data_6BV8
#
_entry.id   6BV8
#
_cell.length_a   41.677
_cell.length_b   111.332
_cell.length_c   139.389
_cell.angle_alpha   90.00
_cell.angle_beta   90.00
_cell.angle_gamma   90.00
#
_symmetry.space_group_name_H-M   'P 21 21 21'
#
loop_
_entity.id
_entity.type
_entity.pdbx_description
1 polymer 'Proteinaceous RNase P 1, chloroplastic/mitochondrial'
2 non-polymer 5-hydroxynaphthalene-1,4-dione
3 non-polymer 'MANGANESE (II) ION'
4 non-polymer 'ZINC ION'
5 non-polymer 'CHLORIDE ION'
6 water water
#
_entity_poly.entity_id   1
_entity_poly.type   'polypeptide(L)'
_entity_poly.pdbx_seq_one_letter_code
;GAGHMASPSENLSRKAKKKAIQQSPEALLKQKLDMCSKKGDVLEALRLYDEARRNGVQLSQYHYNVLLYVCSLAEAATES
SPNPGLSRGFDIFKQMIVDKVVPNEATFTNGARLAVAKDDPEMAFDMVKQMKAFGIQPRLRSYGPALFGFCRKGDADKAY
EVDAHMVESEVVPEEPELAALLKVSMDTKNADKVYKTLQRLRDLVRQVSKSTFDMIEEWFKSEVATKTGVKKWDVKKIRD
AVVSGGGGWHGQGWLGTGKWNVKRTEMDENGVCKCCKEKLVCIDINPVETETFAASLTRLACEREVKANFNQFQEWLERH
GPFDAVIDGANMGLVNQRSFSFFQLNNTVQRCQQISPSKRLPLVILHKSRVNGGPATYPKNRALLEKWKNAGALYATPPG
SNDDWYWLYAAVSCKCLLVTNDEMRDHLFQLLGNSFFPRWKEKHQVRISVTREDGLKLNMPPPYSIVIQESEDGTWHVPM
SVEDDLQTSRQWLCAKRSKTP
;
_entity_poly.pdbx_strand_id   A
#
loop_
_chem_comp.id
_chem_comp.type
_chem_comp.name
_chem_comp.formula
CL non-polymer 'CHLORIDE ION' 'Cl -1'
JUG non-polymer 5-hydroxynaphthalene-1,4-dione 'C10 H6 O3'
MN non-polymer 'MANGANESE (II) ION' 'Mn 2'
ZN non-polymer 'ZINC ION' 'Zn 2'
#
# COMPACT_ATOMS: atom_id res chain seq x y z
N SER A 24 -29.88 -21.32 -26.32
CA SER A 24 -28.44 -21.69 -26.54
C SER A 24 -27.89 -22.60 -25.42
N PRO A 25 -27.04 -23.60 -25.78
CA PRO A 25 -26.46 -24.50 -24.76
C PRO A 25 -25.55 -23.79 -23.74
N GLU A 26 -24.66 -22.92 -24.21
CA GLU A 26 -23.81 -22.12 -23.31
C GLU A 26 -24.66 -21.29 -22.36
N ALA A 27 -25.60 -20.53 -22.95
CA ALA A 27 -26.53 -19.69 -22.19
C ALA A 27 -27.28 -20.47 -21.12
N LEU A 28 -27.73 -21.68 -21.45
CA LEU A 28 -28.45 -22.53 -20.50
C LEU A 28 -27.55 -23.02 -19.36
N LEU A 29 -26.32 -23.43 -19.68
CA LEU A 29 -25.36 -23.85 -18.66
C LEU A 29 -25.12 -22.72 -17.65
N LYS A 30 -24.75 -21.55 -18.18
CA LYS A 30 -24.53 -20.32 -17.39
C LYS A 30 -25.65 -20.05 -16.37
N GLN A 31 -26.87 -20.01 -16.87
CA GLN A 31 -28.09 -19.90 -16.06
C GLN A 31 -28.12 -20.91 -14.89
N LYS A 32 -27.89 -22.18 -15.23
CA LYS A 32 -27.97 -23.27 -14.23
C LYS A 32 -26.78 -23.26 -13.26
N LEU A 33 -25.60 -22.97 -13.78
CA LEU A 33 -24.43 -22.73 -12.91
C LEU A 33 -24.64 -21.53 -11.98
N ASP A 34 -25.23 -20.44 -12.49
CA ASP A 34 -25.54 -19.27 -11.64
C ASP A 34 -26.54 -19.65 -10.56
N MET A 35 -27.55 -20.42 -10.92
CA MET A 35 -28.50 -20.94 -9.94
C MET A 35 -27.77 -21.81 -8.90
N CYS A 36 -26.88 -22.70 -9.37
CA CYS A 36 -26.06 -23.55 -8.50
C CYS A 36 -25.26 -22.74 -7.48
N SER A 37 -24.58 -21.71 -8.01
CA SER A 37 -23.78 -20.76 -7.22
C SER A 37 -24.63 -20.00 -6.19
N LYS A 38 -25.84 -19.59 -6.58
CA LYS A 38 -26.79 -18.99 -5.65
C LYS A 38 -27.14 -19.95 -4.49
N LYS A 39 -27.31 -21.24 -4.77
CA LYS A 39 -27.71 -22.22 -3.75
C LYS A 39 -26.56 -23.01 -3.09
N GLY A 40 -25.33 -22.78 -3.52
CA GLY A 40 -24.18 -23.55 -3.03
C GLY A 40 -24.27 -25.03 -3.40
N ASP A 41 -24.92 -25.32 -4.53
CA ASP A 41 -25.24 -26.69 -4.92
C ASP A 41 -24.06 -27.26 -5.71
N VAL A 42 -23.07 -27.74 -4.97
CA VAL A 42 -21.79 -28.16 -5.55
C VAL A 42 -21.95 -29.47 -6.33
N LEU A 43 -22.65 -30.44 -5.72
CA LEU A 43 -22.91 -31.73 -6.38
C LEU A 43 -23.61 -31.52 -7.74
N GLU A 44 -24.56 -30.59 -7.78
CA GLU A 44 -25.29 -30.28 -9.03
C GLU A 44 -24.43 -29.55 -10.06
N ALA A 45 -23.55 -28.64 -9.61
CA ALA A 45 -22.59 -27.97 -10.48
C ALA A 45 -21.61 -28.96 -11.14
N LEU A 46 -21.16 -29.95 -10.36
CA LEU A 46 -20.26 -31.01 -10.87
C LEU A 46 -20.93 -31.90 -11.91
N ARG A 47 -22.22 -32.20 -11.71
CA ARG A 47 -23.01 -33.01 -12.63
C ARG A 47 -23.24 -32.26 -13.93
N LEU A 48 -23.58 -30.97 -13.82
CA LEU A 48 -23.73 -30.07 -14.97
C LEU A 48 -22.42 -29.92 -15.77
N TYR A 49 -21.29 -29.86 -15.06
CA TYR A 49 -19.95 -29.87 -15.69
C TYR A 49 -19.74 -31.12 -16.57
N ASP A 50 -20.10 -32.29 -16.03
CA ASP A 50 -19.93 -33.58 -16.73
C ASP A 50 -20.89 -33.67 -17.90
N GLU A 51 -22.16 -33.34 -17.63
CA GLU A 51 -23.21 -33.32 -18.65
C GLU A 51 -22.82 -32.45 -19.85
N ALA A 52 -22.22 -31.28 -19.59
CA ALA A 52 -21.68 -30.43 -20.66
C ALA A 52 -20.59 -31.13 -21.50
N ARG A 53 -19.70 -31.88 -20.86
CA ARG A 53 -18.69 -32.69 -21.57
C ARG A 53 -19.34 -33.79 -22.42
N ARG A 54 -20.35 -34.44 -21.85
CA ARG A 54 -21.15 -35.46 -22.53
C ARG A 54 -22.04 -34.89 -23.65
N ASN A 55 -22.47 -33.63 -23.49
CA ASN A 55 -23.26 -32.94 -24.53
C ASN A 55 -22.42 -32.25 -25.60
N GLY A 56 -21.10 -32.21 -25.41
CA GLY A 56 -20.19 -31.52 -26.35
C GLY A 56 -20.22 -30.00 -26.30
N VAL A 57 -20.64 -29.44 -25.14
CA VAL A 57 -20.72 -27.98 -24.95
C VAL A 57 -19.39 -27.46 -24.41
N GLN A 58 -18.78 -26.54 -25.16
CA GLN A 58 -17.51 -25.93 -24.78
C GLN A 58 -17.71 -24.92 -23.63
N LEU A 59 -16.87 -25.03 -22.60
CA LEU A 59 -16.90 -24.11 -21.46
C LEU A 59 -16.05 -22.86 -21.73
N SER A 60 -16.68 -21.71 -21.52
CA SER A 60 -16.02 -20.42 -21.55
C SER A 60 -15.43 -20.06 -20.19
N GLN A 61 -14.60 -19.02 -20.24
CA GLN A 61 -14.09 -18.33 -19.06
C GLN A 61 -15.14 -18.15 -17.97
N TYR A 62 -16.30 -17.62 -18.37
CA TYR A 62 -17.38 -17.41 -17.41
C TYR A 62 -17.76 -18.70 -16.70
N HIS A 63 -18.00 -19.76 -17.48
CA HIS A 63 -18.47 -21.04 -16.91
C HIS A 63 -17.49 -21.54 -15.85
N TYR A 64 -16.22 -21.66 -16.26
CA TYR A 64 -15.15 -22.08 -15.38
C TYR A 64 -15.10 -21.27 -14.08
N ASN A 65 -15.19 -19.94 -14.19
CA ASN A 65 -15.16 -19.07 -13.00
C ASN A 65 -16.25 -19.41 -11.98
N VAL A 66 -17.45 -19.78 -12.45
CA VAL A 66 -18.55 -20.14 -11.52
C VAL A 66 -18.23 -21.47 -10.82
N LEU A 67 -17.67 -22.43 -11.55
CA LEU A 67 -17.30 -23.74 -10.98
C LEU A 67 -16.19 -23.68 -9.92
N LEU A 68 -15.15 -22.90 -10.23
CA LEU A 68 -14.07 -22.64 -9.27
C LEU A 68 -14.63 -22.06 -7.96
N TYR A 69 -15.58 -21.13 -8.06
CA TYR A 69 -16.21 -20.53 -6.87
C TYR A 69 -17.07 -21.56 -6.13
N VAL A 70 -17.90 -22.27 -6.88
CA VAL A 70 -18.83 -23.25 -6.31
C VAL A 70 -18.03 -24.35 -5.61
N CYS A 71 -17.04 -24.90 -6.31
CA CYS A 71 -16.15 -25.91 -5.74
C CYS A 71 -15.44 -25.49 -4.44
N SER A 72 -15.10 -24.20 -4.32
CA SER A 72 -14.43 -23.70 -3.10
C SER A 72 -15.34 -23.60 -1.87
N LEU A 73 -16.65 -23.81 -2.04
CA LEU A 73 -17.58 -23.91 -0.91
C LEU A 73 -17.48 -25.26 -0.18
N ALA A 74 -16.91 -26.27 -0.84
CA ALA A 74 -16.73 -27.60 -0.27
C ALA A 74 -15.74 -27.61 0.89
N GLU A 75 -16.08 -28.34 1.95
CA GLU A 75 -15.22 -28.43 3.14
C GLU A 75 -13.97 -29.27 2.84
N ALA A 76 -12.97 -29.09 3.69
CA ALA A 76 -11.80 -29.95 3.70
C ALA A 76 -12.09 -31.06 4.72
N ALA A 77 -11.95 -32.30 4.29
CA ALA A 77 -12.32 -33.47 5.10
C ALA A 77 -11.18 -33.87 6.05
N THR A 78 -11.46 -33.83 7.36
CA THR A 78 -10.54 -34.39 8.38
C THR A 78 -10.69 -35.90 8.54
N GLU A 79 -11.94 -36.39 8.47
CA GLU A 79 -12.28 -37.79 8.81
C GLU A 79 -12.57 -38.70 7.61
N SER A 80 -12.09 -38.33 6.42
CA SER A 80 -12.20 -39.18 5.24
C SER A 80 -11.28 -38.65 4.15
N SER A 81 -11.16 -39.39 3.06
CA SER A 81 -10.46 -38.88 1.88
C SER A 81 -11.19 -37.62 1.33
N PRO A 82 -10.45 -36.71 0.66
CA PRO A 82 -11.07 -35.46 0.22
C PRO A 82 -12.39 -35.63 -0.57
N ASN A 83 -13.25 -34.64 -0.42
CA ASN A 83 -14.57 -34.65 -1.06
C ASN A 83 -14.45 -34.29 -2.53
N PRO A 84 -15.33 -34.82 -3.40
CA PRO A 84 -15.27 -34.46 -4.83
C PRO A 84 -15.34 -32.93 -5.13
N GLY A 85 -16.00 -32.15 -4.28
CA GLY A 85 -16.03 -30.68 -4.44
C GLY A 85 -14.66 -30.02 -4.61
N LEU A 86 -13.77 -30.22 -3.64
CA LEU A 86 -12.40 -29.69 -3.72
C LEU A 86 -11.53 -30.47 -4.70
N SER A 87 -11.66 -31.80 -4.66
CA SER A 87 -10.85 -32.69 -5.48
C SER A 87 -11.04 -32.39 -6.97
N ARG A 88 -12.31 -32.27 -7.39
CA ARG A 88 -12.65 -32.00 -8.80
C ARG A 88 -12.38 -30.54 -9.22
N GLY A 89 -12.55 -29.60 -8.28
CA GLY A 89 -12.24 -28.18 -8.52
C GLY A 89 -10.84 -27.99 -9.11
N PHE A 90 -9.87 -28.71 -8.55
CA PHE A 90 -8.49 -28.71 -9.03
C PHE A 90 -8.36 -29.31 -10.42
N ASP A 91 -9.12 -30.38 -10.70
CA ASP A 91 -9.16 -30.96 -12.06
C ASP A 91 -9.81 -30.00 -13.06
N ILE A 92 -10.85 -29.30 -12.60
CA ILE A 92 -11.52 -28.24 -13.40
C ILE A 92 -10.56 -27.07 -13.67
N PHE A 93 -9.79 -26.68 -12.64
CA PHE A 93 -8.77 -25.65 -12.83
C PHE A 93 -7.75 -26.07 -13.89
N LYS A 94 -7.21 -27.28 -13.77
CA LYS A 94 -6.25 -27.78 -14.75
C LYS A 94 -6.85 -27.86 -16.16
N GLN A 95 -8.11 -28.30 -16.25
CA GLN A 95 -8.80 -28.39 -17.55
C GLN A 95 -9.04 -26.99 -18.17
N MET A 96 -9.38 -26.03 -17.32
CA MET A 96 -9.50 -24.63 -17.75
C MET A 96 -8.22 -24.15 -18.45
N ILE A 97 -7.07 -24.39 -17.81
CA ILE A 97 -5.77 -23.91 -18.31
C ILE A 97 -5.36 -24.63 -19.60
N VAL A 98 -5.65 -25.93 -19.68
CA VAL A 98 -5.35 -26.74 -20.89
C VAL A 98 -6.18 -26.25 -22.07
N ASP A 99 -7.43 -25.85 -21.82
CA ASP A 99 -8.27 -25.25 -22.86
C ASP A 99 -7.73 -23.91 -23.40
N LYS A 100 -6.85 -23.26 -22.62
CA LYS A 100 -6.30 -21.92 -22.91
C LYS A 100 -7.41 -20.88 -22.90
N VAL A 101 -8.33 -21.03 -21.95
CA VAL A 101 -9.36 -20.03 -21.65
C VAL A 101 -8.65 -18.85 -20.97
N VAL A 102 -8.83 -17.65 -21.53
CA VAL A 102 -8.15 -16.44 -21.03
C VAL A 102 -8.69 -16.05 -19.64
N PRO A 103 -7.83 -16.03 -18.60
CA PRO A 103 -8.37 -15.69 -17.28
C PRO A 103 -8.72 -14.22 -17.15
N ASN A 104 -9.60 -13.92 -16.19
CA ASN A 104 -9.87 -12.55 -15.75
C ASN A 104 -9.71 -12.49 -14.21
N GLU A 105 -10.02 -11.34 -13.61
CA GLU A 105 -9.71 -11.15 -12.18
C GLU A 105 -10.49 -12.11 -11.28
N ALA A 106 -11.72 -12.45 -11.69
CA ALA A 106 -12.49 -13.49 -10.99
C ALA A 106 -11.86 -14.92 -11.08
N THR A 107 -11.20 -15.24 -12.20
CA THR A 107 -10.46 -16.51 -12.31
C THR A 107 -9.45 -16.65 -11.16
N PHE A 108 -8.57 -15.64 -11.03
CA PHE A 108 -7.50 -15.66 -10.03
C PHE A 108 -8.06 -15.66 -8.61
N THR A 109 -9.13 -14.89 -8.40
CA THR A 109 -9.79 -14.83 -7.10
C THR A 109 -10.38 -16.18 -6.71
N ASN A 110 -11.09 -16.80 -7.65
CA ASN A 110 -11.79 -18.05 -7.36
C ASN A 110 -10.81 -19.20 -7.23
N GLY A 111 -9.84 -19.23 -8.15
CA GLY A 111 -8.68 -20.13 -8.04
C GLY A 111 -8.02 -20.12 -6.67
N ALA A 112 -7.85 -18.94 -6.10
CA ALA A 112 -7.28 -18.80 -4.75
C ALA A 112 -8.27 -19.23 -3.66
N ARG A 113 -9.54 -18.90 -3.79
CA ARG A 113 -10.59 -19.38 -2.84
C ARG A 113 -10.56 -20.90 -2.71
N LEU A 114 -10.42 -21.57 -3.86
CA LEU A 114 -10.32 -23.02 -3.90
C LEU A 114 -9.05 -23.51 -3.20
N ALA A 115 -7.92 -22.86 -3.51
CA ALA A 115 -6.63 -23.14 -2.84
C ALA A 115 -6.71 -22.96 -1.32
N VAL A 116 -7.37 -21.89 -0.88
CA VAL A 116 -7.54 -21.61 0.55
C VAL A 116 -8.41 -22.68 1.20
N ALA A 117 -9.49 -23.07 0.51
CA ALA A 117 -10.40 -24.09 1.01
C ALA A 117 -9.66 -25.42 1.23
N LYS A 118 -8.83 -25.80 0.26
CA LYS A 118 -8.08 -27.06 0.29
C LYS A 118 -7.01 -27.07 1.37
N ASP A 119 -6.34 -25.93 1.59
CA ASP A 119 -5.30 -25.82 2.63
C ASP A 119 -4.06 -26.70 2.34
N ASP A 120 -3.80 -26.99 1.06
CA ASP A 120 -2.60 -27.73 0.65
C ASP A 120 -1.68 -26.75 -0.09
N PRO A 121 -0.62 -26.26 0.60
CA PRO A 121 0.28 -25.31 -0.07
C PRO A 121 0.93 -25.83 -1.35
N GLU A 122 1.22 -27.14 -1.39
CA GLU A 122 1.84 -27.75 -2.56
C GLU A 122 0.90 -27.70 -3.78
N MET A 123 -0.37 -28.02 -3.57
CA MET A 123 -1.36 -27.96 -4.66
C MET A 123 -1.66 -26.49 -5.04
N ALA A 124 -1.74 -25.61 -4.04
CA ALA A 124 -1.82 -24.15 -4.29
C ALA A 124 -0.65 -23.66 -5.17
N PHE A 125 0.56 -24.08 -4.81
CA PHE A 125 1.76 -23.76 -5.59
C PHE A 125 1.71 -24.37 -7.00
N ASP A 126 1.16 -25.60 -7.11
CA ASP A 126 0.97 -26.26 -8.41
C ASP A 126 0.16 -25.39 -9.37
N MET A 127 -0.95 -24.83 -8.90
CA MET A 127 -1.82 -23.94 -9.71
C MET A 127 -1.05 -22.77 -10.33
N VAL A 128 -0.18 -22.15 -9.54
CA VAL A 128 0.70 -21.05 -9.98
C VAL A 128 1.75 -21.52 -11.00
N LYS A 129 2.35 -22.68 -10.74
CA LYS A 129 3.29 -23.27 -11.70
C LYS A 129 2.64 -23.61 -13.03
N GLN A 130 1.38 -24.06 -12.99
CA GLN A 130 0.58 -24.29 -14.21
C GLN A 130 0.39 -22.99 -14.99
N MET A 131 -0.11 -21.95 -14.33
CA MET A 131 -0.30 -20.63 -14.94
C MET A 131 0.97 -20.19 -15.68
N LYS A 132 2.10 -20.26 -14.99
CA LYS A 132 3.41 -19.93 -15.57
C LYS A 132 3.68 -20.73 -16.85
N ALA A 133 3.53 -22.05 -16.79
CA ALA A 133 3.77 -22.93 -17.93
C ALA A 133 2.96 -22.57 -19.18
N PHE A 134 1.75 -22.00 -18.99
CA PHE A 134 0.87 -21.58 -20.10
C PHE A 134 0.85 -20.05 -20.33
N GLY A 135 1.92 -19.36 -19.93
CA GLY A 135 2.10 -17.93 -20.21
C GLY A 135 1.16 -16.96 -19.51
N ILE A 136 0.56 -17.42 -18.41
CA ILE A 136 -0.38 -16.63 -17.62
C ILE A 136 0.34 -16.01 -16.44
N GLN A 137 0.21 -14.70 -16.30
CA GLN A 137 0.80 -13.95 -15.18
C GLN A 137 -0.01 -14.17 -13.90
N PRO A 138 0.58 -14.82 -12.88
CA PRO A 138 -0.16 -14.95 -11.62
C PRO A 138 -0.33 -13.61 -10.88
N ARG A 139 -1.32 -13.56 -10.00
CA ARG A 139 -1.59 -12.37 -9.18
C ARG A 139 -1.06 -12.63 -7.79
N LEU A 140 -0.84 -11.55 -7.04
CA LEU A 140 -0.40 -11.69 -5.65
C LEU A 140 -1.26 -12.69 -4.87
N ARG A 141 -2.59 -12.59 -4.99
CA ARG A 141 -3.50 -13.46 -4.20
C ARG A 141 -3.46 -14.96 -4.60
N SER A 142 -3.01 -15.26 -5.82
CA SER A 142 -2.72 -16.65 -6.27
C SER A 142 -1.60 -17.33 -5.44
N TYR A 143 -0.60 -16.53 -5.04
CA TYR A 143 0.56 -17.00 -4.29
C TYR A 143 0.31 -17.16 -2.80
N GLY A 144 -0.59 -16.34 -2.24
CA GLY A 144 -0.94 -16.36 -0.82
C GLY A 144 -1.13 -17.76 -0.25
N PRO A 145 -2.13 -18.50 -0.76
CA PRO A 145 -2.40 -19.85 -0.22
C PRO A 145 -1.14 -20.73 -0.16
N ALA A 146 -0.30 -20.69 -1.18
CA ALA A 146 1.00 -21.39 -1.14
C ALA A 146 1.89 -20.87 -0.01
N LEU A 147 2.22 -19.57 -0.05
CA LEU A 147 3.15 -18.98 0.92
C LEU A 147 2.68 -19.16 2.34
N PHE A 148 1.45 -18.72 2.63
CA PHE A 148 0.94 -18.76 4.00
C PHE A 148 0.80 -20.20 4.51
N GLY A 149 0.47 -21.13 3.61
CA GLY A 149 0.41 -22.57 3.94
C GLY A 149 1.76 -23.11 4.39
N PHE A 150 2.77 -22.98 3.53
CA PHE A 150 4.15 -23.38 3.83
C PHE A 150 4.71 -22.68 5.09
N CYS A 151 4.34 -21.40 5.29
CA CYS A 151 4.78 -20.65 6.47
C CYS A 151 4.13 -21.16 7.75
N ARG A 152 2.84 -21.49 7.69
CA ARG A 152 2.12 -22.15 8.81
C ARG A 152 2.73 -23.50 9.25
N LYS A 153 3.22 -24.26 8.29
CA LYS A 153 3.85 -25.56 8.57
C LYS A 153 5.34 -25.46 8.91
N GLY A 154 5.91 -24.25 8.93
CA GLY A 154 7.32 -24.06 9.25
C GLY A 154 8.30 -24.43 8.15
N ASP A 155 7.78 -24.67 6.94
CA ASP A 155 8.64 -25.12 5.83
C ASP A 155 9.22 -23.89 5.11
N ALA A 156 10.34 -23.40 5.66
CA ALA A 156 10.99 -22.22 5.14
C ALA A 156 11.44 -22.42 3.72
N ASP A 157 11.99 -23.61 3.43
CA ASP A 157 12.55 -23.94 2.12
C ASP A 157 11.54 -23.76 0.99
N LYS A 158 10.31 -24.20 1.23
CA LYS A 158 9.24 -24.08 0.22
C LYS A 158 8.68 -22.63 0.14
N ALA A 159 8.45 -22.02 1.30
CA ALA A 159 8.16 -20.58 1.37
C ALA A 159 9.16 -19.76 0.54
N TYR A 160 10.46 -20.05 0.66
CA TYR A 160 11.47 -19.30 -0.11
C TYR A 160 11.39 -19.62 -1.59
N GLU A 161 11.11 -20.88 -1.92
CA GLU A 161 10.78 -21.25 -3.32
C GLU A 161 9.59 -20.44 -3.87
N VAL A 162 8.54 -20.32 -3.07
CA VAL A 162 7.37 -19.53 -3.50
C VAL A 162 7.76 -18.07 -3.74
N ASP A 163 8.57 -17.53 -2.81
CA ASP A 163 9.08 -16.16 -2.89
C ASP A 163 9.91 -15.92 -4.15
N ALA A 164 10.88 -16.79 -4.42
CA ALA A 164 11.70 -16.67 -5.62
C ALA A 164 10.84 -16.69 -6.89
N HIS A 165 9.78 -17.51 -6.85
CA HIS A 165 8.82 -17.63 -7.94
C HIS A 165 8.06 -16.33 -8.17
N MET A 166 7.57 -15.70 -7.10
CA MET A 166 6.97 -14.35 -7.18
C MET A 166 7.91 -13.33 -7.77
N VAL A 167 9.18 -13.41 -7.35
CA VAL A 167 10.22 -12.47 -7.78
C VAL A 167 10.47 -12.62 -9.28
N GLU A 168 10.58 -13.87 -9.75
CA GLU A 168 10.75 -14.12 -11.18
C GLU A 168 9.52 -13.61 -11.96
N SER A 169 8.33 -13.84 -11.40
CA SER A 169 7.09 -13.38 -12.02
C SER A 169 6.80 -11.89 -11.81
N GLU A 170 7.72 -11.17 -11.14
CA GLU A 170 7.64 -9.71 -10.90
C GLU A 170 6.41 -9.29 -10.11
N VAL A 171 5.89 -10.19 -9.28
CA VAL A 171 4.76 -9.88 -8.40
C VAL A 171 5.36 -9.44 -7.08
N VAL A 172 5.05 -8.21 -6.68
CA VAL A 172 5.64 -7.56 -5.52
C VAL A 172 4.86 -8.00 -4.27
N PRO A 173 5.57 -8.43 -3.20
CA PRO A 173 4.84 -8.77 -1.97
C PRO A 173 4.34 -7.53 -1.26
N GLU A 174 3.31 -7.69 -0.45
CA GLU A 174 2.86 -6.67 0.50
C GLU A 174 3.22 -7.13 1.90
N GLU A 175 2.85 -6.37 2.93
CA GLU A 175 3.26 -6.68 4.28
C GLU A 175 2.93 -8.11 4.82
N PRO A 176 1.71 -8.63 4.59
CA PRO A 176 1.39 -9.97 5.10
C PRO A 176 2.34 -11.06 4.57
N GLU A 177 2.70 -10.97 3.30
CA GLU A 177 3.65 -11.91 2.72
C GLU A 177 5.06 -11.74 3.30
N LEU A 178 5.51 -10.49 3.39
CA LEU A 178 6.81 -10.20 4.01
C LEU A 178 6.84 -10.64 5.47
N ALA A 179 5.76 -10.39 6.21
CA ALA A 179 5.67 -10.80 7.61
C ALA A 179 5.77 -12.33 7.80
N ALA A 180 5.09 -13.09 6.94
CA ALA A 180 5.09 -14.56 7.05
C ALA A 180 6.49 -15.11 6.72
N LEU A 181 7.14 -14.49 5.73
CA LEU A 181 8.53 -14.80 5.42
C LEU A 181 9.42 -14.49 6.60
N LEU A 182 9.17 -13.36 7.26
CA LEU A 182 9.92 -12.98 8.45
C LEU A 182 9.75 -14.04 9.52
N LYS A 183 8.50 -14.38 9.80
CA LYS A 183 8.16 -15.36 10.84
C LYS A 183 8.80 -16.75 10.59
N VAL A 184 8.72 -17.21 9.36
CA VAL A 184 9.25 -18.52 9.03
C VAL A 184 10.77 -18.51 9.12
N SER A 185 11.40 -17.37 8.78
CA SER A 185 12.85 -17.20 8.94
C SER A 185 13.25 -17.24 10.40
N MET A 186 12.49 -16.57 11.25
CA MET A 186 12.73 -16.59 12.70
C MET A 186 12.59 -18.00 13.27
N ASP A 187 11.60 -18.74 12.76
CA ASP A 187 11.33 -20.10 13.20
C ASP A 187 12.47 -21.04 12.81
N THR A 188 13.00 -20.91 11.60
CA THR A 188 14.12 -21.75 11.19
C THR A 188 15.51 -21.14 11.52
N LYS A 189 15.56 -20.15 12.44
CA LYS A 189 16.82 -19.51 12.91
C LYS A 189 17.68 -18.95 11.78
N ASN A 190 17.04 -18.50 10.71
CA ASN A 190 17.72 -18.05 9.52
C ASN A 190 17.94 -16.51 9.60
N ALA A 191 19.02 -16.12 10.27
CA ALA A 191 19.33 -14.71 10.53
C ALA A 191 19.61 -13.92 9.26
N ASP A 192 20.20 -14.56 8.26
CA ASP A 192 20.43 -13.91 6.98
C ASP A 192 19.08 -13.56 6.30
N LYS A 193 18.10 -14.45 6.44
CA LYS A 193 16.78 -14.22 5.84
C LYS A 193 15.98 -13.17 6.62
N VAL A 194 16.08 -13.23 7.94
CA VAL A 194 15.50 -12.19 8.77
C VAL A 194 15.98 -10.79 8.32
N TYR A 195 17.29 -10.64 8.19
CA TYR A 195 17.92 -9.40 7.76
C TYR A 195 17.40 -8.96 6.39
N LYS A 196 17.38 -9.88 5.43
CA LYS A 196 16.92 -9.55 4.08
C LYS A 196 15.44 -9.13 4.06
N THR A 197 14.61 -9.83 4.80
CA THR A 197 13.19 -9.51 4.85
C THR A 197 12.98 -8.15 5.53
N LEU A 198 13.79 -7.89 6.53
CA LEU A 198 13.73 -6.60 7.21
C LEU A 198 14.02 -5.46 6.22
N GLN A 199 14.99 -5.66 5.32
CA GLN A 199 15.28 -4.66 4.28
C GLN A 199 14.11 -4.52 3.30
N ARG A 200 13.48 -5.64 2.97
CA ARG A 200 12.35 -5.64 2.05
C ARG A 200 11.16 -4.91 2.66
N LEU A 201 10.91 -5.14 3.95
CA LEU A 201 9.95 -4.31 4.68
C LEU A 201 10.27 -2.80 4.64
N ARG A 202 11.52 -2.44 4.85
CA ARG A 202 11.95 -1.04 4.76
C ARG A 202 11.60 -0.44 3.39
N ASP A 203 12.04 -1.16 2.35
CA ASP A 203 11.96 -0.76 0.96
C ASP A 203 10.52 -0.64 0.47
N LEU A 204 9.65 -1.56 0.90
CA LEU A 204 8.33 -1.72 0.30
C LEU A 204 7.19 -1.29 1.21
N VAL A 205 7.33 -1.45 2.52
CA VAL A 205 6.26 -1.12 3.47
C VAL A 205 6.54 0.15 4.32
N ARG A 206 7.81 0.37 4.68
CA ARG A 206 8.26 1.58 5.41
CA ARG A 206 8.29 1.55 5.41
C ARG A 206 7.93 1.57 6.91
N GLN A 207 6.65 1.44 7.23
CA GLN A 207 6.17 1.34 8.61
C GLN A 207 5.35 0.08 8.73
N VAL A 208 5.40 -0.56 9.90
CA VAL A 208 4.87 -1.89 10.06
C VAL A 208 3.64 -1.90 10.97
N SER A 209 2.75 -2.85 10.73
CA SER A 209 1.57 -3.08 11.57
C SER A 209 1.99 -3.50 12.97
N LYS A 210 1.03 -3.50 13.88
CA LYS A 210 1.25 -3.92 15.26
C LYS A 210 1.85 -5.33 15.33
N SER A 211 1.27 -6.25 14.60
CA SER A 211 1.68 -7.66 14.65
C SER A 211 3.10 -7.87 14.12
N THR A 212 3.46 -7.15 13.06
CA THR A 212 4.80 -7.20 12.51
C THR A 212 5.80 -6.52 13.46
N PHE A 213 5.35 -5.46 14.12
CA PHE A 213 6.17 -4.73 15.06
C PHE A 213 6.57 -5.62 16.23
N ASP A 214 5.58 -6.33 16.75
CA ASP A 214 5.75 -7.27 17.85
C ASP A 214 6.73 -8.39 17.47
N MET A 215 6.50 -8.96 16.29
CA MET A 215 7.40 -9.94 15.68
C MET A 215 8.87 -9.43 15.62
N ILE A 216 9.07 -8.22 15.13
CA ILE A 216 10.40 -7.65 15.02
C ILE A 216 11.03 -7.43 16.39
N GLU A 217 10.24 -7.01 17.36
CA GLU A 217 10.76 -6.87 18.72
C GLU A 217 11.19 -8.22 19.32
N GLU A 218 10.42 -9.26 19.07
CA GLU A 218 10.76 -10.59 19.51
C GLU A 218 12.10 -11.01 18.88
N TRP A 219 12.21 -10.88 17.57
CA TRP A 219 13.46 -11.19 16.90
C TRP A 219 14.66 -10.55 17.62
N PHE A 220 14.60 -9.25 17.85
CA PHE A 220 15.75 -8.53 18.41
C PHE A 220 16.07 -8.94 19.84
N LYS A 221 15.06 -9.38 20.58
CA LYS A 221 15.29 -9.90 21.94
C LYS A 221 15.68 -11.38 21.99
N SER A 222 15.68 -12.06 20.85
CA SER A 222 15.89 -13.50 20.81
C SER A 222 17.37 -13.86 20.88
N GLU A 223 17.62 -15.08 21.36
CA GLU A 223 18.95 -15.67 21.46
C GLU A 223 19.68 -15.69 20.11
N VAL A 224 18.97 -16.03 19.04
CA VAL A 224 19.58 -16.07 17.70
C VAL A 224 20.10 -14.68 17.32
N ALA A 225 19.29 -13.64 17.57
CA ALA A 225 19.74 -12.26 17.35
C ALA A 225 20.97 -11.92 18.19
N THR A 226 20.94 -12.27 19.48
CA THR A 226 22.07 -12.03 20.39
C THR A 226 23.36 -12.60 19.82
N LYS A 227 23.25 -13.78 19.22
CA LYS A 227 24.39 -14.55 18.78
C LYS A 227 24.68 -14.37 17.28
N THR A 228 24.08 -13.39 16.60
CA THR A 228 24.44 -13.07 15.22
C THR A 228 25.07 -11.71 15.17
N GLY A 229 26.20 -11.59 14.48
CA GLY A 229 26.89 -10.32 14.34
C GLY A 229 28.37 -10.46 14.06
N VAL A 230 29.06 -9.33 14.00
CA VAL A 230 30.52 -9.28 13.83
C VAL A 230 31.07 -8.14 14.66
N LYS A 231 32.24 -8.36 15.27
CA LYS A 231 32.90 -7.33 16.06
C LYS A 231 33.69 -6.37 15.16
N LYS A 232 34.28 -6.90 14.10
CA LYS A 232 35.09 -6.14 13.17
C LYS A 232 34.41 -6.03 11.83
N TRP A 233 34.37 -4.81 11.29
CA TRP A 233 33.95 -4.62 9.92
C TRP A 233 34.64 -3.43 9.27
N ASP A 234 34.55 -3.40 7.94
CA ASP A 234 35.11 -2.33 7.13
C ASP A 234 34.19 -1.11 7.27
N VAL A 235 34.64 -0.12 8.04
CA VAL A 235 33.88 1.13 8.25
C VAL A 235 33.62 1.90 6.94
N LYS A 236 34.55 1.82 5.98
CA LYS A 236 34.43 2.56 4.71
C LYS A 236 33.55 1.86 3.66
N LYS A 237 33.48 0.53 3.72
CA LYS A 237 32.54 -0.22 2.87
C LYS A 237 31.07 0.00 3.29
N ILE A 238 30.83 0.23 4.59
CA ILE A 238 29.50 0.62 5.10
C ILE A 238 29.18 2.02 4.58
N ARG A 239 30.09 2.95 4.86
CA ARG A 239 30.08 4.32 4.33
C ARG A 239 29.66 4.40 2.85
N ASP A 240 30.25 3.57 1.99
CA ASP A 240 29.94 3.58 0.55
C ASP A 240 28.56 3.05 0.20
N ALA A 241 28.14 2.02 0.92
CA ALA A 241 26.82 1.44 0.73
C ALA A 241 25.71 2.42 1.18
N VAL A 242 25.94 3.15 2.28
CA VAL A 242 25.01 4.19 2.75
C VAL A 242 24.79 5.23 1.66
N VAL A 243 25.89 5.76 1.13
CA VAL A 243 25.86 6.71 0.01
C VAL A 243 25.11 6.09 -1.16
N SER A 244 25.45 4.84 -1.46
CA SER A 244 24.90 4.15 -2.61
C SER A 244 23.40 3.79 -2.51
N GLY A 245 22.89 3.51 -1.31
CA GLY A 245 21.49 3.07 -1.17
C GLY A 245 20.41 4.14 -1.27
N GLY A 246 20.78 5.41 -1.12
CA GLY A 246 19.85 6.52 -1.01
C GLY A 246 19.81 7.12 0.39
N GLY A 247 20.41 6.44 1.36
CA GLY A 247 20.46 6.90 2.75
C GLY A 247 19.45 6.11 3.59
N GLY A 248 19.71 6.05 4.89
CA GLY A 248 18.83 5.40 5.87
C GLY A 248 19.03 3.91 6.11
N TRP A 249 20.07 3.32 5.51
CA TRP A 249 20.36 1.87 5.56
C TRP A 249 21.70 1.62 4.81
N HIS A 250 22.28 0.43 4.98
CA HIS A 250 23.48 0.04 4.21
C HIS A 250 23.41 -1.34 3.57
N GLY A 251 22.69 -2.28 4.19
CA GLY A 251 22.39 -3.56 3.55
C GLY A 251 23.52 -4.57 3.62
N GLN A 252 24.55 -4.28 4.42
CA GLN A 252 25.78 -5.09 4.48
C GLN A 252 25.75 -6.24 5.50
N GLY A 253 24.80 -6.21 6.43
CA GLY A 253 24.54 -7.32 7.34
C GLY A 253 24.48 -6.83 8.77
N TRP A 254 24.24 -7.75 9.70
CA TRP A 254 24.21 -7.44 11.14
C TRP A 254 25.58 -6.98 11.61
N LEU A 255 25.61 -5.88 12.38
CA LEU A 255 26.85 -5.36 12.93
C LEU A 255 26.71 -5.41 14.42
N GLY A 256 27.88 -5.47 15.07
CA GLY A 256 27.96 -5.53 16.52
C GLY A 256 27.82 -6.95 17.01
N THR A 257 27.86 -7.12 18.32
CA THR A 257 27.74 -8.43 18.94
C THR A 257 27.07 -8.28 20.29
N GLY A 258 26.62 -9.40 20.83
CA GLY A 258 25.99 -9.44 22.13
C GLY A 258 24.53 -9.10 22.07
N LYS A 259 23.93 -9.11 23.26
CA LYS A 259 22.54 -8.77 23.50
C LYS A 259 22.15 -7.42 22.86
N TRP A 260 20.95 -7.36 22.30
CA TRP A 260 20.40 -6.10 21.79
C TRP A 260 19.60 -5.40 22.89
N ASN A 261 19.84 -4.11 23.13
CA ASN A 261 18.93 -3.30 23.95
C ASN A 261 17.75 -2.87 23.09
N VAL A 262 16.56 -3.34 23.44
CA VAL A 262 15.36 -3.18 22.63
C VAL A 262 14.30 -2.45 23.43
N LYS A 263 14.04 -1.18 23.10
CA LYS A 263 12.99 -0.41 23.78
C LYS A 263 11.97 0.12 22.81
N ARG A 264 10.71 0.07 23.21
CA ARG A 264 9.68 0.92 22.64
C ARG A 264 9.92 2.36 23.06
N THR A 265 9.75 3.27 22.12
CA THR A 265 10.12 4.66 22.31
C THR A 265 9.43 5.52 21.24
N GLU A 266 9.85 6.79 21.16
CA GLU A 266 9.30 7.75 20.20
C GLU A 266 10.44 8.58 19.69
N MET A 267 10.17 9.30 18.61
CA MET A 267 11.08 10.30 18.10
C MET A 267 10.52 11.64 18.51
N ASP A 268 11.41 12.57 18.83
CA ASP A 268 11.00 13.96 19.05
C ASP A 268 10.70 14.63 17.69
N GLU A 269 10.40 15.92 17.72
CA GLU A 269 9.95 16.64 16.53
C GLU A 269 11.03 16.75 15.47
N ASN A 270 12.30 16.64 15.87
CA ASN A 270 13.44 16.68 14.94
C ASN A 270 13.98 15.32 14.49
N GLY A 271 13.27 14.24 14.83
CA GLY A 271 13.71 12.87 14.47
C GLY A 271 14.79 12.27 15.35
N VAL A 272 14.92 12.75 16.58
CA VAL A 272 15.89 12.24 17.52
C VAL A 272 15.17 11.20 18.38
N CYS A 273 15.78 10.03 18.51
CA CYS A 273 15.24 8.94 19.33
C CYS A 273 15.40 9.29 20.79
N LYS A 274 14.30 9.22 21.52
CA LYS A 274 14.28 9.56 22.93
C LYS A 274 14.98 8.52 23.79
N CYS A 275 15.08 7.29 23.28
CA CYS A 275 15.88 6.27 23.93
C CYS A 275 17.38 6.52 23.69
N CYS A 276 17.86 6.43 22.46
CA CYS A 276 19.32 6.49 22.22
C CYS A 276 19.89 7.84 21.73
N LYS A 277 19.04 8.83 21.45
CA LYS A 277 19.49 10.13 20.97
C LYS A 277 20.12 10.12 19.59
N GLU A 278 19.92 9.05 18.81
CA GLU A 278 20.36 9.09 17.42
C GLU A 278 19.37 9.98 16.60
N LYS A 279 19.93 10.80 15.70
CA LYS A 279 19.13 11.62 14.80
C LYS A 279 18.86 10.81 13.55
N LEU A 280 17.59 10.52 13.30
CA LEU A 280 17.21 9.76 12.13
C LEU A 280 17.50 10.59 10.89
N VAL A 281 17.69 9.94 9.76
CA VAL A 281 17.98 10.67 8.54
C VAL A 281 16.71 11.00 7.79
N CYS A 282 16.85 12.01 6.93
CA CYS A 282 15.85 12.39 5.99
C CYS A 282 16.29 11.92 4.63
N ILE A 283 15.44 11.15 3.96
CA ILE A 283 15.84 10.49 2.72
C ILE A 283 15.20 11.22 1.55
N ASP A 284 16.00 11.52 0.53
CA ASP A 284 15.57 12.29 -0.62
C ASP A 284 14.69 11.49 -1.54
N ILE A 285 13.90 12.21 -2.31
CA ILE A 285 13.10 11.65 -3.38
C ILE A 285 13.77 12.06 -4.70
N ASN A 286 14.05 11.06 -5.53
CA ASN A 286 14.63 11.29 -6.83
C ASN A 286 13.62 12.00 -7.72
N PRO A 287 13.96 13.21 -8.19
CA PRO A 287 13.05 13.99 -9.09
C PRO A 287 12.52 13.26 -10.34
N VAL A 288 13.23 12.23 -10.81
CA VAL A 288 12.77 11.41 -11.94
C VAL A 288 11.57 10.58 -11.54
N GLU A 289 11.62 9.94 -10.36
CA GLU A 289 10.42 9.23 -9.85
C GLU A 289 9.22 10.15 -9.81
N THR A 290 9.46 11.39 -9.39
CA THR A 290 8.40 12.39 -9.31
C THR A 290 7.77 12.71 -10.67
N GLU A 291 8.60 12.83 -11.70
CA GLU A 291 8.12 13.02 -13.09
C GLU A 291 7.27 11.83 -13.55
N THR A 292 7.77 10.62 -13.34
CA THR A 292 7.02 9.42 -13.69
C THR A 292 5.65 9.40 -13.02
N PHE A 293 5.66 9.69 -11.72
CA PHE A 293 4.45 9.74 -10.96
C PHE A 293 3.49 10.79 -11.50
N ALA A 294 4.01 11.98 -11.83
CA ALA A 294 3.19 13.03 -12.40
C ALA A 294 2.51 12.57 -13.69
N ALA A 295 3.23 11.83 -14.53
CA ALA A 295 2.64 11.30 -15.78
C ALA A 295 1.54 10.31 -15.47
N SER A 296 1.83 9.35 -14.60
CA SER A 296 0.82 8.39 -14.15
C SER A 296 -0.42 9.05 -13.62
N LEU A 297 -0.20 10.12 -12.88
CA LEU A 297 -1.29 10.85 -12.29
C LEU A 297 -2.19 11.49 -13.34
N THR A 298 -1.59 12.08 -14.36
CA THR A 298 -2.36 12.64 -15.46
C THR A 298 -3.14 11.57 -16.18
N ARG A 299 -2.47 10.45 -16.45
CA ARG A 299 -3.09 9.31 -17.14
C ARG A 299 -4.30 8.84 -16.33
N LEU A 300 -4.13 8.60 -15.03
CA LEU A 300 -5.26 8.16 -14.22
C LEU A 300 -6.42 9.14 -14.18
N ALA A 301 -6.11 10.43 -14.09
CA ALA A 301 -7.16 11.44 -13.98
C ALA A 301 -7.98 11.52 -15.25
N CYS A 302 -7.31 11.54 -16.40
CA CYS A 302 -8.01 11.54 -17.70
C CYS A 302 -8.93 10.34 -17.95
N GLU A 303 -8.62 9.17 -17.38
CA GLU A 303 -9.50 8.00 -17.50
C GLU A 303 -10.78 8.14 -16.72
N ARG A 304 -10.78 8.98 -15.68
CA ARG A 304 -11.93 9.07 -14.76
C ARG A 304 -12.67 10.37 -14.92
N GLU A 305 -11.92 11.47 -15.08
CA GLU A 305 -12.51 12.75 -15.38
C GLU A 305 -12.91 12.83 -16.83
N VAL A 306 -13.83 13.74 -17.12
CA VAL A 306 -14.05 14.21 -18.48
C VAL A 306 -12.74 14.88 -18.94
N LYS A 307 -12.16 14.31 -19.98
CA LYS A 307 -10.84 14.69 -20.44
C LYS A 307 -10.71 16.21 -20.56
N ALA A 308 -11.71 16.84 -21.18
CA ALA A 308 -11.68 18.27 -21.43
C ALA A 308 -11.64 19.08 -20.12
N ASN A 309 -12.31 18.58 -19.09
CA ASN A 309 -12.29 19.22 -17.77
C ASN A 309 -10.93 19.17 -17.11
N PHE A 310 -10.26 18.02 -17.16
CA PHE A 310 -8.95 17.92 -16.57
C PHE A 310 -7.90 18.69 -17.37
N ASN A 311 -7.99 18.62 -18.70
CA ASN A 311 -7.15 19.42 -19.60
C ASN A 311 -7.31 20.92 -19.39
N GLN A 312 -8.53 21.37 -19.15
CA GLN A 312 -8.81 22.75 -18.89
C GLN A 312 -8.11 23.25 -17.63
N PHE A 313 -8.10 22.41 -16.59
CA PHE A 313 -7.38 22.72 -15.36
C PHE A 313 -5.87 22.72 -15.59
N GLN A 314 -5.36 21.74 -16.34
CA GLN A 314 -3.95 21.74 -16.69
C GLN A 314 -3.50 23.01 -17.37
N GLU A 315 -4.30 23.49 -18.32
CA GLU A 315 -3.99 24.70 -19.06
C GLU A 315 -4.13 25.93 -18.17
N TRP A 316 -5.14 25.94 -17.29
CA TRP A 316 -5.29 27.03 -16.32
C TRP A 316 -4.06 27.08 -15.40
N LEU A 317 -3.67 25.92 -14.89
CA LEU A 317 -2.51 25.82 -14.01
C LEU A 317 -1.20 26.28 -14.63
N GLU A 318 -0.99 25.93 -15.90
CA GLU A 318 0.19 26.39 -16.66
C GLU A 318 0.27 27.90 -16.74
N ARG A 319 -0.88 28.57 -16.73
CA ARG A 319 -0.95 30.02 -16.79
C ARG A 319 -0.97 30.72 -15.42
N HIS A 320 -0.86 29.97 -14.35
CA HIS A 320 -0.97 30.59 -13.00
C HIS A 320 0.14 30.11 -12.11
N GLY A 321 0.14 30.54 -10.84
CA GLY A 321 1.23 30.31 -9.94
C GLY A 321 2.21 31.48 -10.09
N PRO A 322 3.36 31.43 -9.41
CA PRO A 322 3.81 30.27 -8.68
C PRO A 322 3.03 30.06 -7.36
N PHE A 323 3.07 28.85 -6.84
CA PHE A 323 2.39 28.48 -5.58
C PHE A 323 3.37 27.82 -4.61
N ASP A 324 3.23 28.16 -3.33
CA ASP A 324 3.92 27.47 -2.25
C ASP A 324 3.02 26.43 -1.58
N ALA A 325 1.71 26.54 -1.76
CA ALA A 325 0.80 25.61 -1.15
C ALA A 325 -0.43 25.46 -2.01
N VAL A 326 -1.00 24.27 -1.98
CA VAL A 326 -2.29 23.99 -2.56
C VAL A 326 -3.23 23.50 -1.48
N ILE A 327 -4.42 24.09 -1.38
CA ILE A 327 -5.39 23.73 -0.34
C ILE A 327 -6.51 22.88 -0.92
N ASP A 328 -6.79 21.76 -0.26
CA ASP A 328 -8.04 21.02 -0.48
C ASP A 328 -9.16 21.75 0.24
N GLY A 329 -9.85 22.60 -0.51
CA GLY A 329 -10.86 23.45 0.04
C GLY A 329 -12.02 22.75 0.74
N ALA A 330 -12.57 21.73 0.11
CA ALA A 330 -13.70 21.00 0.69
C ALA A 330 -13.30 20.40 2.03
N ASN A 331 -12.13 19.77 2.07
CA ASN A 331 -11.64 19.18 3.31
C ASN A 331 -11.40 20.24 4.40
N MET A 332 -10.76 21.35 4.04
CA MET A 332 -10.50 22.39 5.03
C MET A 332 -11.79 22.98 5.56
N GLY A 333 -12.81 23.07 4.72
CA GLY A 333 -14.12 23.51 5.17
C GLY A 333 -14.87 22.52 6.08
N LEU A 334 -14.66 21.23 5.89
CA LEU A 334 -15.49 20.19 6.52
C LEU A 334 -14.84 19.34 7.60
N VAL A 335 -13.51 19.27 7.67
CA VAL A 335 -12.87 18.42 8.68
C VAL A 335 -13.27 18.91 10.10
N ASN A 336 -13.87 17.99 10.88
CA ASN A 336 -14.35 18.27 12.26
C ASN A 336 -15.47 19.27 12.36
N GLN A 337 -16.31 19.36 11.34
CA GLN A 337 -17.35 20.37 11.32
C GLN A 337 -18.61 19.65 11.01
N ARG A 338 -19.73 20.16 11.50
CA ARG A 338 -21.00 19.51 11.13
C ARG A 338 -21.42 20.03 9.78
N SER A 339 -20.97 21.21 9.40
CA SER A 339 -21.13 21.66 8.02
C SER A 339 -20.02 22.64 7.65
N PHE A 340 -19.97 22.98 6.36
CA PHE A 340 -18.88 23.76 5.78
C PHE A 340 -18.57 25.02 6.59
N SER A 341 -17.33 25.14 7.02
CA SER A 341 -16.90 26.29 7.80
C SER A 341 -16.02 27.16 6.93
N PHE A 342 -16.54 28.31 6.49
CA PHE A 342 -15.77 29.29 5.80
C PHE A 342 -14.64 29.83 6.67
N PHE A 343 -14.92 30.02 7.97
CA PHE A 343 -13.89 30.37 8.92
C PHE A 343 -12.67 29.48 8.87
N GLN A 344 -12.87 28.17 8.84
CA GLN A 344 -11.74 27.25 8.89
C GLN A 344 -10.94 27.31 7.59
N LEU A 345 -11.63 27.35 6.47
CA LEU A 345 -10.99 27.53 5.14
C LEU A 345 -10.17 28.82 5.13
N ASN A 346 -10.82 29.92 5.46
CA ASN A 346 -10.19 31.24 5.43
C ASN A 346 -9.00 31.31 6.38
N ASN A 347 -9.17 30.78 7.58
CA ASN A 347 -8.06 30.75 8.54
C ASN A 347 -6.88 29.94 8.02
N THR A 348 -7.15 28.83 7.36
CA THR A 348 -6.08 28.05 6.75
C THR A 348 -5.37 28.79 5.61
N VAL A 349 -6.14 29.46 4.74
CA VAL A 349 -5.55 30.28 3.66
C VAL A 349 -4.63 31.34 4.23
N GLN A 350 -5.12 32.07 5.24
CA GLN A 350 -4.30 33.11 5.87
C GLN A 350 -3.02 32.53 6.47
N ARG A 351 -3.11 31.38 7.11
CA ARG A 351 -1.92 30.82 7.76
C ARG A 351 -0.91 30.28 6.74
N CYS A 352 -1.40 29.71 5.66
CA CYS A 352 -0.49 29.28 4.60
C CYS A 352 0.24 30.47 4.00
N GLN A 353 -0.49 31.55 3.78
CA GLN A 353 0.09 32.76 3.24
C GLN A 353 1.15 33.34 4.17
N GLN A 354 0.85 33.30 5.46
CA GLN A 354 1.80 33.79 6.48
C GLN A 354 3.12 33.00 6.50
N ILE A 355 3.13 31.69 6.25
CA ILE A 355 4.40 30.93 6.22
C ILE A 355 5.12 30.92 4.84
N SER A 356 4.45 31.33 3.78
CA SER A 356 5.08 31.58 2.48
C SER A 356 6.12 32.68 2.63
N PRO A 357 7.40 32.40 2.29
CA PRO A 357 8.40 33.45 2.39
C PRO A 357 8.05 34.77 1.70
N SER A 358 7.37 34.75 0.54
CA SER A 358 7.01 36.00 -0.15
C SER A 358 5.52 36.33 0.00
N LYS A 359 4.84 35.59 0.88
CA LYS A 359 3.42 35.80 1.18
C LYS A 359 2.54 35.52 -0.02
N ARG A 360 2.85 34.45 -0.74
CA ARG A 360 1.93 33.97 -1.76
C ARG A 360 0.65 33.44 -1.14
N LEU A 361 -0.48 33.80 -1.73
CA LEU A 361 -1.69 33.09 -1.50
C LEU A 361 -1.56 31.62 -1.95
N PRO A 362 -2.13 30.70 -1.15
CA PRO A 362 -2.18 29.31 -1.60
C PRO A 362 -3.18 29.18 -2.72
N LEU A 363 -3.03 28.14 -3.55
CA LEU A 363 -4.03 27.81 -4.54
C LEU A 363 -5.16 27.05 -3.83
N VAL A 364 -6.34 27.65 -3.79
CA VAL A 364 -7.52 27.00 -3.25
C VAL A 364 -8.29 26.23 -4.35
N ILE A 365 -8.43 24.93 -4.15
CA ILE A 365 -9.27 24.08 -4.99
C ILE A 365 -10.62 23.86 -4.30
N LEU A 366 -11.72 24.27 -4.93
CA LEU A 366 -13.07 24.10 -4.41
C LEU A 366 -13.98 23.57 -5.49
N HIS A 367 -15.00 22.78 -5.16
CA HIS A 367 -16.11 22.53 -6.12
C HIS A 367 -16.85 23.81 -6.48
N LYS A 368 -17.41 23.86 -7.70
CA LYS A 368 -18.02 25.09 -8.21
C LYS A 368 -19.32 25.47 -7.49
N SER A 369 -20.01 24.48 -6.93
CA SER A 369 -21.21 24.71 -6.08
C SER A 369 -20.96 25.65 -4.86
N ARG A 370 -19.71 25.84 -4.45
CA ARG A 370 -19.33 26.73 -3.31
C ARG A 370 -19.13 28.22 -3.65
N VAL A 371 -18.42 28.50 -4.75
CA VAL A 371 -17.79 29.82 -5.00
C VAL A 371 -18.78 31.00 -5.05
N ALA A 376 -19.58 31.83 0.47
CA ALA A 376 -20.76 31.36 -0.24
C ALA A 376 -22.01 32.19 0.12
N THR A 377 -22.72 31.82 1.17
CA THR A 377 -24.02 32.47 1.52
C THR A 377 -23.93 33.94 2.04
N TYR A 378 -22.82 34.33 2.67
CA TYR A 378 -22.62 35.69 3.22
C TYR A 378 -21.85 36.57 2.23
N PRO A 379 -22.37 37.78 1.90
CA PRO A 379 -21.78 38.58 0.83
C PRO A 379 -20.25 38.75 0.92
N LYS A 380 -19.71 39.04 2.09
CA LYS A 380 -18.27 39.31 2.16
C LYS A 380 -17.43 38.05 1.91
N ASN A 381 -17.98 36.88 2.25
CA ASN A 381 -17.29 35.63 1.99
C ASN A 381 -17.25 35.31 0.48
N ARG A 382 -18.39 35.49 -0.17
CA ARG A 382 -18.50 35.37 -1.62
C ARG A 382 -17.50 36.32 -2.30
N ALA A 383 -17.44 37.58 -1.86
CA ALA A 383 -16.49 38.57 -2.43
C ALA A 383 -15.03 38.13 -2.26
N LEU A 384 -14.70 37.53 -1.12
CA LEU A 384 -13.34 37.07 -0.87
C LEU A 384 -13.00 35.85 -1.77
N LEU A 385 -13.92 34.90 -1.90
CA LEU A 385 -13.77 33.79 -2.86
C LEU A 385 -13.47 34.31 -4.28
N GLU A 386 -14.23 35.29 -4.74
CA GLU A 386 -14.02 35.94 -6.03
C GLU A 386 -12.70 36.67 -6.08
N LYS A 387 -12.32 37.34 -4.99
CA LYS A 387 -11.01 37.97 -4.93
C LYS A 387 -9.87 36.98 -5.05
N TRP A 388 -9.93 35.87 -4.33
CA TRP A 388 -8.90 34.86 -4.50
C TRP A 388 -8.83 34.36 -5.97
N LYS A 389 -9.99 34.16 -6.61
CA LYS A 389 -10.02 33.75 -8.03
C LYS A 389 -9.35 34.84 -8.88
N ASN A 390 -9.70 36.10 -8.65
CA ASN A 390 -9.04 37.19 -9.37
C ASN A 390 -7.55 37.37 -9.10
N ALA A 391 -7.08 36.89 -7.96
CA ALA A 391 -5.66 36.92 -7.62
C ALA A 391 -4.84 35.73 -8.20
N GLY A 392 -5.49 34.89 -8.99
CA GLY A 392 -4.91 33.67 -9.54
C GLY A 392 -4.75 32.58 -8.49
N ALA A 393 -5.58 32.56 -7.44
CA ALA A 393 -5.34 31.65 -6.33
C ALA A 393 -6.56 30.80 -6.02
N LEU A 394 -7.52 30.68 -6.96
CA LEU A 394 -8.63 29.78 -6.75
C LEU A 394 -9.08 29.14 -8.05
N TYR A 395 -9.31 27.83 -8.04
CA TYR A 395 -9.90 27.11 -9.17
C TYR A 395 -11.12 26.33 -8.73
N ALA A 396 -12.26 26.60 -9.36
CA ALA A 396 -13.49 25.89 -8.99
C ALA A 396 -13.63 24.70 -9.93
N THR A 397 -13.60 23.49 -9.39
CA THR A 397 -13.64 22.30 -10.23
C THR A 397 -15.08 22.09 -10.76
N PRO A 398 -15.21 21.62 -12.02
CA PRO A 398 -16.50 21.67 -12.70
C PRO A 398 -17.53 20.66 -12.17
N PRO A 399 -18.82 20.83 -12.59
CA PRO A 399 -19.95 19.92 -12.28
C PRO A 399 -19.59 18.44 -12.49
N GLY A 400 -19.69 17.65 -11.43
CA GLY A 400 -19.43 16.20 -11.48
C GLY A 400 -17.99 15.73 -11.32
N SER A 401 -17.02 16.65 -11.34
CA SER A 401 -15.62 16.28 -11.17
C SER A 401 -15.36 15.72 -9.80
N ASN A 402 -14.29 14.95 -9.70
CA ASN A 402 -13.74 14.56 -8.41
C ASN A 402 -12.56 15.49 -8.16
N ASP A 403 -12.74 16.45 -7.27
CA ASP A 403 -11.73 17.48 -7.07
C ASP A 403 -10.43 16.94 -6.49
N ASP A 404 -10.43 15.72 -5.93
CA ASP A 404 -9.18 15.13 -5.42
C ASP A 404 -8.05 15.03 -6.48
N TRP A 405 -8.39 14.73 -7.74
CA TRP A 405 -7.41 14.73 -8.81
C TRP A 405 -6.77 16.09 -9.02
N TYR A 406 -7.55 17.14 -8.80
CA TYR A 406 -7.14 18.51 -9.13
C TYR A 406 -6.10 18.99 -8.12
N TRP A 407 -6.43 18.90 -6.83
CA TRP A 407 -5.47 19.30 -5.80
C TRP A 407 -4.25 18.44 -5.76
N LEU A 408 -4.40 17.16 -6.05
CA LEU A 408 -3.23 16.31 -6.09
C LEU A 408 -2.32 16.65 -7.30
N TYR A 409 -2.89 16.82 -8.48
CA TYR A 409 -2.09 17.16 -9.67
C TYR A 409 -1.42 18.51 -9.48
N ALA A 410 -2.15 19.47 -8.93
CA ALA A 410 -1.57 20.78 -8.65
C ALA A 410 -0.35 20.76 -7.74
N ALA A 411 -0.44 20.04 -6.61
CA ALA A 411 0.66 20.03 -5.66
C ALA A 411 1.89 19.27 -6.19
N VAL A 412 1.65 18.13 -6.83
CA VAL A 412 2.71 17.40 -7.52
C VAL A 412 3.34 18.26 -8.62
N SER A 413 2.53 18.91 -9.45
CA SER A 413 3.09 19.74 -10.56
C SER A 413 3.87 20.94 -10.06
N CYS A 414 3.36 21.59 -9.02
CA CYS A 414 3.99 22.78 -8.49
C CYS A 414 5.07 22.47 -7.49
N LYS A 415 5.26 21.20 -7.16
CA LYS A 415 6.31 20.79 -6.25
C LYS A 415 6.22 21.54 -4.92
N CYS A 416 5.02 21.56 -4.35
CA CYS A 416 4.76 22.41 -3.20
C CYS A 416 3.95 21.69 -2.13
N LEU A 417 3.61 22.41 -1.06
CA LEU A 417 2.87 21.80 0.06
C LEU A 417 1.46 21.48 -0.35
N LEU A 418 0.95 20.37 0.14
CA LEU A 418 -0.44 20.01 -0.06
C LEU A 418 -1.18 20.05 1.31
N VAL A 419 -2.18 20.90 1.41
CA VAL A 419 -2.90 21.12 2.67
C VAL A 419 -4.22 20.38 2.63
N THR A 420 -4.25 19.20 3.24
CA THR A 420 -5.45 18.42 3.36
C THR A 420 -5.32 17.47 4.53
N ASN A 421 -6.46 17.23 5.19
CA ASN A 421 -6.53 16.18 6.19
C ASN A 421 -7.10 14.91 5.61
N ASP A 422 -7.38 14.88 4.30
CA ASP A 422 -7.88 13.66 3.67
C ASP A 422 -6.85 12.54 3.93
N GLU A 423 -7.32 11.40 4.39
CA GLU A 423 -6.40 10.28 4.68
C GLU A 423 -5.64 9.75 3.45
N MET A 424 -6.21 9.86 2.25
CA MET A 424 -5.50 9.54 0.99
C MET A 424 -4.99 8.10 0.90
N ARG A 425 -5.79 7.18 1.46
CA ARG A 425 -5.51 5.75 1.41
C ARG A 425 -6.59 4.97 0.67
N ASP A 426 -7.85 5.37 0.86
CA ASP A 426 -8.99 4.56 0.48
C ASP A 426 -9.46 4.88 -0.93
N HIS A 427 -10.07 3.87 -1.55
CA HIS A 427 -10.76 4.02 -2.83
C HIS A 427 -9.76 4.39 -3.93
N LEU A 428 -9.86 5.58 -4.51
CA LEU A 428 -9.11 5.88 -5.72
C LEU A 428 -7.62 6.19 -5.47
N PHE A 429 -7.26 6.49 -4.22
CA PHE A 429 -5.87 6.66 -3.82
C PHE A 429 -5.09 5.32 -3.83
N GLN A 430 -5.78 4.20 -3.73
CA GLN A 430 -5.14 2.88 -3.93
C GLN A 430 -4.50 2.74 -5.29
N LEU A 431 -5.08 3.38 -6.28
CA LEU A 431 -4.50 3.39 -7.63
C LEU A 431 -3.10 4.01 -7.68
N LEU A 432 -2.77 4.85 -6.71
CA LEU A 432 -1.50 5.58 -6.75
C LEU A 432 -0.31 4.76 -6.31
N GLY A 433 -0.54 3.58 -5.74
CA GLY A 433 0.54 2.68 -5.38
C GLY A 433 1.06 2.99 -3.98
N ASN A 434 2.01 2.17 -3.54
CA ASN A 434 2.49 2.20 -2.17
C ASN A 434 4.03 2.34 -2.03
N SER A 435 4.73 2.68 -3.11
CA SER A 435 6.14 3.05 -3.00
C SER A 435 6.27 4.59 -3.05
N PHE A 436 6.15 5.16 -4.25
CA PHE A 436 6.36 6.58 -4.41
C PHE A 436 5.37 7.44 -3.62
N PHE A 437 4.09 7.20 -3.80
CA PHE A 437 3.10 8.11 -3.26
C PHE A 437 3.17 8.37 -1.74
N PRO A 438 3.27 7.31 -0.91
CA PRO A 438 3.47 7.54 0.52
C PRO A 438 4.67 8.39 0.86
N ARG A 439 5.79 8.17 0.18
CA ARG A 439 6.99 8.98 0.38
C ARG A 439 6.75 10.46 -0.01
N TRP A 440 6.05 10.69 -1.12
CA TRP A 440 5.78 12.04 -1.61
C TRP A 440 4.85 12.73 -0.59
N LYS A 441 3.79 12.03 -0.18
CA LYS A 441 2.84 12.48 0.82
C LYS A 441 3.53 13.01 2.08
N GLU A 442 4.47 12.24 2.58
CA GLU A 442 5.19 12.56 3.80
C GLU A 442 5.93 13.89 3.66
N LYS A 443 6.60 14.09 2.52
CA LYS A 443 7.32 15.32 2.31
C LYS A 443 6.45 16.50 1.99
N HIS A 444 5.24 16.30 1.47
CA HIS A 444 4.39 17.41 0.95
C HIS A 444 3.15 17.76 1.77
N GLN A 445 2.61 16.80 2.51
CA GLN A 445 1.32 16.98 3.16
C GLN A 445 1.41 17.80 4.44
N VAL A 446 0.56 18.83 4.50
CA VAL A 446 0.29 19.63 5.69
C VAL A 446 -1.12 19.30 6.16
N ARG A 447 -1.26 19.08 7.47
CA ARG A 447 -2.54 18.78 8.11
C ARG A 447 -2.86 19.84 9.17
N ILE A 448 -4.11 20.23 9.29
CA ILE A 448 -4.50 21.21 10.29
C ILE A 448 -4.93 20.46 11.56
N SER A 449 -4.67 21.05 12.72
CA SER A 449 -5.22 20.57 14.00
C SER A 449 -5.69 21.80 14.74
N VAL A 450 -6.71 21.62 15.58
CA VAL A 450 -7.33 22.74 16.27
C VAL A 450 -7.41 22.45 17.76
N THR A 451 -6.95 23.38 18.59
CA THR A 451 -7.21 23.27 20.03
C THR A 451 -7.98 24.46 20.55
N ARG A 452 -8.60 24.24 21.71
CA ARG A 452 -9.35 25.27 22.43
C ARG A 452 -8.46 26.44 22.74
N GLU A 453 -7.31 26.14 23.28
CA GLU A 453 -6.40 27.12 23.80
C GLU A 453 -5.75 27.97 22.69
N ASP A 454 -5.40 27.33 21.56
CA ASP A 454 -4.57 27.99 20.56
C ASP A 454 -5.21 28.25 19.19
N GLY A 455 -6.32 27.61 18.88
CA GLY A 455 -6.92 27.68 17.57
C GLY A 455 -6.24 26.71 16.60
N LEU A 456 -6.13 27.15 15.36
CA LEU A 456 -5.67 26.28 14.27
C LEU A 456 -4.15 26.25 14.18
N LYS A 457 -3.60 25.05 13.96
CA LYS A 457 -2.16 24.86 13.76
C LYS A 457 -1.96 24.13 12.45
N LEU A 458 -0.88 24.46 11.75
CA LEU A 458 -0.47 23.74 10.57
C LEU A 458 0.58 22.72 10.97
N ASN A 459 0.38 21.46 10.65
CA ASN A 459 1.36 20.43 11.03
C ASN A 459 2.15 20.11 9.78
N MET A 460 3.42 20.47 9.81
CA MET A 460 4.28 20.45 8.65
C MET A 460 4.91 19.08 8.42
N PRO A 461 5.40 18.84 7.19
CA PRO A 461 6.20 17.64 6.93
C PRO A 461 7.38 17.45 7.91
N PRO A 462 7.62 16.22 8.37
CA PRO A 462 8.67 16.06 9.36
C PRO A 462 10.08 16.23 8.75
N PRO A 463 11.07 16.63 9.56
CA PRO A 463 12.43 16.84 9.05
C PRO A 463 13.27 15.55 9.05
N TYR A 464 12.59 14.41 8.90
CA TYR A 464 13.22 13.13 8.81
C TYR A 464 12.22 12.20 8.15
N SER A 465 12.69 11.05 7.70
CA SER A 465 11.82 10.10 7.05
C SER A 465 11.33 9.05 8.05
N ILE A 466 10.01 8.85 8.06
CA ILE A 466 9.37 7.89 8.95
C ILE A 466 9.40 6.57 8.21
N VAL A 467 10.45 5.83 8.48
CA VAL A 467 10.72 4.59 7.78
C VAL A 467 11.66 3.76 8.64
N ILE A 468 11.59 2.43 8.51
CA ILE A 468 12.63 1.56 9.08
C ILE A 468 13.99 2.10 8.66
N GLN A 469 14.89 2.32 9.63
CA GLN A 469 16.26 2.78 9.33
C GLN A 469 17.29 1.93 10.06
N GLU A 470 18.39 1.69 9.37
CA GLU A 470 19.52 0.94 9.85
C GLU A 470 20.71 1.88 9.79
N SER A 471 21.31 2.21 10.92
CA SER A 471 22.45 3.13 10.92
C SER A 471 23.76 2.44 10.52
N GLU A 472 24.80 3.27 10.40
CA GLU A 472 26.16 2.83 10.02
C GLU A 472 26.78 1.93 11.08
N ASP A 473 26.45 2.17 12.34
CA ASP A 473 26.92 1.29 13.41
C ASP A 473 25.99 0.11 13.72
N GLY A 474 25.02 -0.15 12.85
CA GLY A 474 24.12 -1.31 13.00
C GLY A 474 22.91 -1.11 13.89
N THR A 475 22.68 0.11 14.40
CA THR A 475 21.47 0.41 15.19
C THR A 475 20.22 0.45 14.29
N TRP A 476 19.12 -0.12 14.79
CA TRP A 476 17.86 -0.18 14.05
C TRP A 476 16.80 0.67 14.72
N HIS A 477 16.08 1.44 13.92
CA HIS A 477 14.86 2.08 14.35
C HIS A 477 13.70 1.68 13.46
N VAL A 478 12.64 1.18 14.07
CA VAL A 478 11.52 0.60 13.32
C VAL A 478 10.22 1.32 13.74
N PRO A 479 9.53 1.98 12.78
CA PRO A 479 8.28 2.65 13.11
C PRO A 479 7.03 1.83 12.87
N MET A 480 6.11 1.96 13.80
CA MET A 480 4.80 1.38 13.66
C MET A 480 3.96 2.27 12.74
N SER A 481 3.11 1.61 11.97
CA SER A 481 2.11 2.25 11.13
C SER A 481 0.95 2.65 12.04
N VAL A 482 0.36 3.82 11.79
CA VAL A 482 -0.81 4.30 12.56
C VAL A 482 -1.80 4.97 11.61
N GLU A 483 -3.08 4.92 12.00
CA GLU A 483 -4.16 5.64 11.32
C GLU A 483 -3.82 7.13 11.18
N ASP A 484 -3.54 7.76 12.31
CA ASP A 484 -3.31 9.19 12.34
C ASP A 484 -2.25 9.54 13.38
N ASP A 485 -1.05 9.90 12.91
CA ASP A 485 0.08 10.16 13.81
C ASP A 485 0.01 11.50 14.54
N LEU A 486 -1.00 12.31 14.24
CA LEU A 486 -1.35 13.51 15.05
C LEU A 486 -2.33 13.14 16.18
N GLN A 487 -3.24 12.21 15.91
CA GLN A 487 -4.09 11.65 16.97
C GLN A 487 -3.29 10.80 17.98
N THR A 488 -2.61 9.75 17.50
CA THR A 488 -1.79 8.86 18.36
C THR A 488 -0.28 9.08 18.13
N SER A 489 0.46 9.23 19.22
CA SER A 489 1.91 9.39 19.14
C SER A 489 2.56 8.05 18.67
N ARG A 490 3.33 8.11 17.58
CA ARG A 490 3.79 6.91 16.88
C ARG A 490 4.85 6.14 17.67
N GLN A 491 4.62 4.86 17.87
CA GLN A 491 5.58 4.02 18.59
C GLN A 491 6.67 3.56 17.61
N TRP A 492 7.90 3.62 18.10
CA TRP A 492 9.07 3.15 17.42
C TRP A 492 9.77 2.08 18.24
N LEU A 493 10.41 1.15 17.56
CA LEU A 493 11.34 0.23 18.18
C LEU A 493 12.78 0.74 18.03
N CYS A 494 13.50 0.81 19.15
CA CYS A 494 14.91 1.14 19.17
C CYS A 494 15.71 -0.10 19.58
N ALA A 495 16.50 -0.63 18.63
CA ALA A 495 17.32 -1.82 18.83
C ALA A 495 18.78 -1.47 18.64
N LYS A 496 19.51 -1.44 19.74
CA LYS A 496 20.90 -0.99 19.79
C LYS A 496 21.76 -1.99 20.56
N ARG A 497 22.92 -2.36 20.02
CA ARG A 497 23.81 -3.31 20.71
C ARG A 497 24.37 -2.71 21.99
N SER A 498 24.23 -3.44 23.10
CA SER A 498 24.72 -3.00 24.42
C SER A 498 26.26 -2.92 24.55
N LYS A 499 27.00 -3.58 23.65
CA LYS A 499 28.45 -3.36 23.55
C LYS A 499 28.78 -2.90 22.14
OAA JUG B . 15.48 18.66 6.95
CAJ JUG B . 14.57 18.11 6.30
CAF JUG B . 14.73 16.76 5.95
CAG JUG B . 13.75 16.05 5.25
CAK JUG B . 12.55 16.61 4.82
OAB JUG B . 11.72 15.92 4.18
CAM JUG B . 12.29 18.05 5.15
CAL JUG B . 13.33 18.83 5.90
CAH JUG B . 13.10 20.18 6.21
CAD JUG B . 11.90 20.80 5.81
CAE JUG B . 10.90 20.10 5.10
CAI JUG B . 11.05 18.75 4.74
OAC JUG B . 10.09 18.04 4.04
HAF JUG B . 15.54 16.30 6.21
HAH JUG B . 13.77 20.69 6.69
HAD JUG B . 11.75 21.73 6.03
HAE JUG B . 10.09 20.57 4.84
HOAC JUG B . 10.35 17.26 3.89
MN MN C . -12.08 15.58 -1.35
ZN ZN D . 17.31 4.77 19.29
CL CL E . -13.91 43.26 5.67
CL CL F . 10.29 30.88 -4.69
#